data_4K2Y
#
_entry.id   4K2Y
#
_cell.length_a   74.405
_cell.length_b   74.405
_cell.length_c   49.701
_cell.angle_alpha   90.00
_cell.angle_beta   90.00
_cell.angle_gamma   90.00
#
_symmetry.space_group_name_H-M   'P 43'
#
loop_
_entity.id
_entity.type
_entity.pdbx_description
1 polymer Chymase
2 non-polymer 'ZINC ION'
3 non-polymer 2-acetamido-2-deoxy-beta-D-glucopyranose
4 non-polymer 6-chloro-1,3-dihydro-2H-indol-2-one
5 water water
#
_entity_poly.entity_id   1
_entity_poly.type   'polypeptide(L)'
_entity_poly.pdbx_seq_one_letter_code
;IIGGTECKPHSRPYMAYLEIVTSNGPSKFCGGFLIRRNFVLTAAHCAGRSITVTLGAHNITEEEDTWQKLEVIKQFRHPK
YNTSTLHHDIMLLKLKEKASLTLAVGTLPFPSQKNFVPPGRMCRVAGWGRTGVLKPGSDTLQEVKLRLMDPQACSHFRDF
DHNLQLCVGNPRKTKSAFKGDSGGPLLCAGAAQGIVSYGRSDAKPPAVFTRISHYQPWINQILQAN
;
_entity_poly.pdbx_strand_id   A
#
# COMPACT_ATOMS: atom_id res chain seq x y z
N ILE A 1 -5.72 -7.86 -5.04
CA ILE A 1 -5.14 -7.72 -6.38
C ILE A 1 -6.00 -8.50 -7.38
N ILE A 2 -6.45 -7.80 -8.41
CA ILE A 2 -7.28 -8.41 -9.44
C ILE A 2 -6.45 -8.70 -10.67
N GLY A 3 -6.51 -9.94 -11.15
CA GLY A 3 -5.86 -10.31 -12.40
C GLY A 3 -4.37 -10.51 -12.23
N GLY A 4 -3.97 -10.93 -11.04
CA GLY A 4 -2.56 -11.11 -10.73
C GLY A 4 -2.19 -12.56 -10.45
N THR A 5 -0.92 -12.77 -10.11
CA THR A 5 -0.41 -14.09 -9.81
C THR A 5 0.09 -14.10 -8.37
N GLU A 6 0.10 -15.27 -7.74
CA GLU A 6 0.66 -15.40 -6.40
C GLU A 6 2.17 -15.17 -6.41
N CYS A 7 2.66 -14.31 -5.52
CA CYS A 7 4.09 -14.05 -5.43
C CYS A 7 4.83 -15.31 -5.03
N LYS A 8 6.10 -15.39 -5.40
CA LYS A 8 7.02 -16.35 -4.81
C LYS A 8 7.13 -15.94 -3.34
N PRO A 9 6.90 -16.90 -2.42
CA PRO A 9 6.87 -16.53 -1.00
C PRO A 9 8.14 -15.81 -0.54
N HIS A 10 7.96 -14.65 0.08
CA HIS A 10 9.07 -13.83 0.59
C HIS A 10 9.93 -13.21 -0.49
N SER A 11 9.41 -13.14 -1.70
CA SER A 11 10.13 -12.48 -2.80
C SER A 11 10.03 -10.96 -2.65
N ARG A 12 9.20 -10.53 -1.72
CA ARG A 12 9.00 -9.09 -1.46
C ARG A 12 9.06 -8.82 0.04
N PRO A 13 10.28 -8.86 0.59
CA PRO A 13 10.51 -8.89 2.05
C PRO A 13 10.10 -7.61 2.78
N TYR A 14 9.91 -6.53 2.03
CA TYR A 14 9.43 -5.28 2.61
C TYR A 14 7.91 -5.21 2.77
N MET A 15 7.16 -6.15 2.19
CA MET A 15 5.71 -6.04 2.25
C MET A 15 5.21 -6.12 3.70
N ALA A 16 4.29 -5.23 4.06
CA ALA A 16 3.70 -5.24 5.39
C ALA A 16 2.20 -5.45 5.30
N TYR A 17 1.70 -6.33 6.16
CA TYR A 17 0.28 -6.64 6.24
C TYR A 17 -0.26 -5.95 7.51
N LEU A 18 -1.23 -5.07 7.31
CA LEU A 18 -1.73 -4.21 8.37
C LEU A 18 -3.11 -4.64 8.88
N GLU A 19 -3.22 -4.86 10.18
CA GLU A 19 -4.53 -5.05 10.78
C GLU A 19 -4.89 -3.81 11.57
N ILE A 20 -5.97 -3.15 11.18
CA ILE A 20 -6.34 -1.86 11.76
C ILE A 20 -7.58 -1.92 12.67
N VAL A 21 -7.47 -1.32 13.85
CA VAL A 21 -8.54 -1.34 14.84
C VAL A 21 -9.25 0.01 14.91
N THR A 22 -10.57 0.00 14.75
CA THR A 22 -11.39 1.15 15.06
C THR A 22 -12.31 0.82 16.24
N SER A 23 -12.94 1.85 16.82
CA SER A 23 -13.76 1.63 18.01
C SER A 23 -15.20 1.20 17.75
N ASN A 24 -15.71 1.43 16.54
CA ASN A 24 -17.12 1.12 16.25
C ASN A 24 -17.38 -0.04 15.29
N GLY A 25 -16.33 -0.70 14.84
CA GLY A 25 -16.50 -1.84 13.96
C GLY A 25 -15.37 -2.82 14.06
N PRO A 26 -15.49 -3.95 13.36
CA PRO A 26 -14.42 -4.96 13.35
C PRO A 26 -13.16 -4.46 12.63
N SER A 27 -12.10 -5.24 12.72
CA SER A 27 -10.81 -4.94 12.08
C SER A 27 -10.92 -4.67 10.58
N LYS A 28 -10.01 -3.84 10.08
CA LYS A 28 -9.82 -3.66 8.64
C LYS A 28 -8.38 -3.95 8.29
N PHE A 29 -8.11 -4.15 7.00
CA PHE A 29 -6.79 -4.58 6.56
C PHE A 29 -6.28 -3.75 5.39
N CYS A 30 -4.98 -3.45 5.42
CA CYS A 30 -4.29 -2.75 4.34
C CYS A 30 -2.92 -3.37 4.12
N GLY A 31 -2.25 -2.93 3.06
CA GLY A 31 -0.87 -3.26 2.83
C GLY A 31 -0.01 -2.07 3.21
N GLY A 32 1.29 -2.19 2.94
CA GLY A 32 2.25 -1.17 3.29
C GLY A 32 3.64 -1.74 3.08
N PHE A 33 4.64 -0.91 3.32
CA PHE A 33 6.00 -1.36 3.07
C PHE A 33 7.02 -0.77 4.04
N LEU A 34 7.96 -1.62 4.43
CA LEU A 34 8.98 -1.26 5.40
C LEU A 34 10.08 -0.44 4.72
N ILE A 35 10.22 0.83 5.10
CA ILE A 35 11.26 1.68 4.51
C ILE A 35 12.40 1.95 5.48
N ARG A 36 12.14 1.73 6.77
CA ARG A 36 13.17 1.75 7.80
C ARG A 36 12.85 0.57 8.70
N ARG A 37 13.83 0.07 9.43
CA ARG A 37 13.59 -1.06 10.32
C ARG A 37 12.41 -0.81 11.27
N ASN A 38 12.18 0.45 11.62
CA ASN A 38 11.03 0.79 12.46
C ASN A 38 9.97 1.71 11.81
N PHE A 39 10.07 1.94 10.51
CA PHE A 39 9.07 2.77 9.82
C PHE A 39 8.42 2.06 8.64
N VAL A 40 7.08 2.08 8.64
CA VAL A 40 6.26 1.49 7.58
C VAL A 40 5.42 2.55 6.88
N LEU A 41 5.45 2.55 5.54
CA LEU A 41 4.72 3.53 4.77
C LEU A 41 3.43 2.88 4.26
N THR A 42 2.35 3.63 4.31
CA THR A 42 1.05 3.11 3.88
C THR A 42 0.14 4.28 3.51
N ALA A 43 -1.15 4.01 3.35
CA ALA A 43 -2.12 5.05 3.02
C ALA A 43 -2.74 5.69 4.25
N ALA A 44 -3.01 6.99 4.13
CA ALA A 44 -3.68 7.76 5.18
C ALA A 44 -5.02 7.14 5.60
N HIS A 45 -5.76 6.62 4.64
CA HIS A 45 -7.10 6.11 4.94
C HIS A 45 -7.09 4.76 5.64
N CYS A 46 -5.90 4.20 5.84
CA CYS A 46 -5.73 2.99 6.65
C CYS A 46 -5.53 3.32 8.14
N ALA A 47 -5.52 4.60 8.50
CA ALA A 47 -5.41 5.01 9.90
C ALA A 47 -6.55 4.46 10.79
N GLY A 48 -6.27 4.23 12.07
CA GLY A 48 -7.27 3.76 13.01
C GLY A 48 -6.93 4.08 14.45
N ARG A 49 -7.73 3.53 15.37
CA ARG A 49 -7.47 3.66 16.81
C ARG A 49 -6.12 3.02 17.15
N SER A 50 -5.90 1.81 16.67
CA SER A 50 -4.57 1.18 16.75
C SER A 50 -4.31 0.25 15.57
N ILE A 51 -3.04 -0.06 15.33
CA ILE A 51 -2.65 -0.90 14.19
C ILE A 51 -1.54 -1.91 14.55
N THR A 52 -1.68 -3.14 14.08
CA THR A 52 -0.63 -4.15 14.20
C THR A 52 -0.06 -4.46 12.82
N VAL A 53 1.26 -4.67 12.78
CA VAL A 53 1.96 -4.95 11.53
C VAL A 53 2.58 -6.33 11.54
N THR A 54 2.30 -7.13 10.51
CA THR A 54 2.97 -8.42 10.35
C THR A 54 3.95 -8.34 9.19
N LEU A 55 5.24 -8.50 9.48
CA LEU A 55 6.26 -8.58 8.43
C LEU A 55 6.59 -10.06 8.16
N GLY A 56 7.14 -10.36 6.99
CA GLY A 56 7.57 -11.72 6.68
C GLY A 56 6.49 -12.70 6.27
N ALA A 57 5.32 -12.20 5.94
CA ALA A 57 4.18 -13.07 5.66
C ALA A 57 4.01 -13.37 4.17
N HIS A 58 3.54 -14.58 3.88
CA HIS A 58 3.04 -14.89 2.54
C HIS A 58 1.58 -15.30 2.66
N ASN A 59 1.34 -16.53 3.10
CA ASN A 59 -0.01 -16.99 3.46
C ASN A 59 -0.32 -16.46 4.86
N ILE A 60 -1.23 -15.50 4.93
CA ILE A 60 -1.48 -14.74 6.14
C ILE A 60 -2.32 -15.52 7.15
N THR A 61 -2.81 -16.69 6.76
CA THR A 61 -3.59 -17.49 7.69
C THR A 61 -2.73 -18.55 8.38
N GLU A 62 -1.53 -18.79 7.85
CA GLU A 62 -0.64 -19.79 8.45
C GLU A 62 0.65 -19.22 9.05
N GLU A 63 0.70 -19.23 10.38
CA GLU A 63 1.86 -18.74 11.12
C GLU A 63 3.15 -19.46 10.73
N GLU A 64 4.24 -18.71 10.70
CA GLU A 64 5.54 -19.30 10.40
C GLU A 64 6.66 -18.46 11.00
N ASP A 65 7.86 -19.04 11.08
CA ASP A 65 9.00 -18.41 11.71
C ASP A 65 9.42 -17.10 11.04
N THR A 66 9.13 -16.95 9.74
CA THR A 66 9.39 -15.66 9.06
C THR A 66 8.59 -14.50 9.68
N TRP A 67 7.44 -14.81 10.27
CA TRP A 67 6.53 -13.78 10.79
C TRP A 67 7.16 -12.90 11.86
N GLN A 68 6.99 -11.59 11.69
CA GLN A 68 7.23 -10.64 12.75
C GLN A 68 5.98 -9.79 12.89
N LYS A 69 5.22 -10.02 13.96
CA LYS A 69 4.05 -9.22 14.29
C LYS A 69 4.54 -8.09 15.15
N LEU A 70 4.38 -6.86 14.68
CA LEU A 70 4.95 -5.73 15.37
C LEU A 70 3.91 -4.71 15.75
N GLU A 71 4.07 -4.19 16.96
CA GLU A 71 3.23 -3.12 17.47
C GLU A 71 3.58 -1.79 16.81
N VAL A 72 2.56 -0.98 16.55
CA VAL A 72 2.78 0.37 16.08
C VAL A 72 2.66 1.30 17.28
N ILE A 73 3.71 2.07 17.57
CA ILE A 73 3.64 3.04 18.68
C ILE A 73 2.86 4.33 18.32
N LYS A 74 3.12 4.89 17.13
N LYS A 74 3.14 4.91 17.14
CA LYS A 74 2.52 6.15 16.71
CA LYS A 74 2.52 6.16 16.72
C LYS A 74 2.18 6.13 15.22
C LYS A 74 2.18 6.14 15.22
N GLN A 75 1.06 6.77 14.87
CA GLN A 75 0.64 6.92 13.49
C GLN A 75 0.86 8.36 13.04
N PHE A 76 1.61 8.56 11.96
CA PHE A 76 1.78 9.89 11.39
C PHE A 76 1.04 10.00 10.08
N ARG A 77 -0.25 10.32 10.15
CA ARG A 77 -1.01 10.57 8.94
C ARG A 77 -0.66 11.95 8.43
N HIS A 78 -0.60 12.10 7.11
CA HIS A 78 -0.38 13.41 6.53
C HIS A 78 -1.45 14.37 7.05
N PRO A 79 -1.02 15.55 7.51
CA PRO A 79 -1.89 16.54 8.17
C PRO A 79 -2.98 17.05 7.24
N LYS A 80 -2.69 17.04 5.94
CA LYS A 80 -3.58 17.62 4.96
C LYS A 80 -4.46 16.59 4.27
N TYR A 81 -4.43 15.35 4.75
CA TYR A 81 -5.26 14.30 4.17
C TYR A 81 -6.72 14.72 4.19
N ASN A 82 -7.38 14.59 3.05
CA ASN A 82 -8.71 15.16 2.86
C ASN A 82 -9.70 14.05 2.53
N THR A 83 -10.68 13.83 3.40
CA THR A 83 -11.64 12.75 3.19
C THR A 83 -12.62 13.05 2.07
N SER A 84 -12.55 14.27 1.54
CA SER A 84 -13.43 14.66 0.44
C SER A 84 -12.74 14.51 -0.93
N THR A 85 -11.53 15.06 -1.06
CA THR A 85 -10.80 14.99 -2.32
C THR A 85 -9.92 13.75 -2.40
N LEU A 86 -9.61 13.17 -1.24
CA LEU A 86 -8.70 12.02 -1.10
C LEU A 86 -7.24 12.41 -1.32
N HIS A 87 -6.98 13.70 -1.38
CA HIS A 87 -5.62 14.21 -1.56
C HIS A 87 -4.71 13.83 -0.39
N HIS A 88 -3.44 13.61 -0.72
CA HIS A 88 -2.41 13.30 0.27
C HIS A 88 -2.77 12.06 1.06
N ASP A 89 -3.16 11.01 0.34
CA ASP A 89 -3.44 9.72 0.97
C ASP A 89 -2.12 9.02 1.31
N ILE A 90 -1.52 9.40 2.44
CA ILE A 90 -0.23 8.86 2.86
C ILE A 90 -0.01 8.92 4.38
N MET A 91 0.61 7.87 4.92
CA MET A 91 0.84 7.76 6.35
C MET A 91 2.11 6.99 6.67
N LEU A 92 2.79 7.43 7.73
CA LEU A 92 3.94 6.70 8.29
C LEU A 92 3.58 6.08 9.63
N LEU A 93 3.97 4.82 9.80
CA LEU A 93 3.77 4.11 11.05
C LEU A 93 5.11 3.89 11.69
N LYS A 94 5.21 4.27 12.96
CA LYS A 94 6.42 4.01 13.70
C LYS A 94 6.27 2.72 14.50
N LEU A 95 7.15 1.76 14.25
CA LEU A 95 7.09 0.49 14.95
C LEU A 95 7.67 0.68 16.35
N LYS A 96 7.18 -0.10 17.31
CA LYS A 96 7.61 0.05 18.70
C LYS A 96 9.11 -0.24 18.83
N GLU A 97 9.55 -1.33 18.22
CA GLU A 97 10.96 -1.66 18.13
C GLU A 97 11.33 -1.82 16.66
N LYS A 98 12.63 -1.83 16.38
CA LYS A 98 13.06 -2.01 15.00
C LYS A 98 12.89 -3.47 14.62
N ALA A 99 12.41 -3.72 13.40
CA ALA A 99 12.23 -5.07 12.92
C ALA A 99 13.58 -5.79 12.77
N SER A 100 13.54 -7.11 12.81
CA SER A 100 14.75 -7.88 12.56
C SER A 100 14.91 -8.03 11.06
N LEU A 101 16.16 -7.97 10.59
CA LEU A 101 16.47 -8.24 9.20
C LEU A 101 16.70 -9.74 9.02
N THR A 102 15.93 -10.33 8.10
CA THR A 102 16.01 -11.74 7.80
C THR A 102 15.91 -11.85 6.28
N LEU A 103 16.00 -13.05 5.74
CA LEU A 103 15.77 -13.24 4.33
C LEU A 103 14.35 -12.81 3.93
N ALA A 104 13.39 -13.04 4.84
CA ALA A 104 11.98 -12.79 4.57
C ALA A 104 11.53 -11.36 4.84
N VAL A 105 12.34 -10.59 5.57
CA VAL A 105 11.97 -9.24 5.99
C VAL A 105 13.15 -8.29 5.82
N GLY A 106 12.93 -7.19 5.10
CA GLY A 106 13.96 -6.20 4.88
C GLY A 106 13.38 -4.88 4.42
N THR A 107 14.16 -3.80 4.47
CA THR A 107 13.64 -2.52 4.05
C THR A 107 13.73 -2.33 2.55
N LEU A 108 12.85 -1.49 2.02
CA LEU A 108 12.95 -1.01 0.66
C LEU A 108 13.58 0.38 0.73
N PRO A 109 14.82 0.52 0.26
CA PRO A 109 15.60 1.76 0.34
C PRO A 109 14.87 2.99 -0.20
N PRO A 119 4.84 7.96 -18.87
CA PRO A 119 3.68 7.07 -18.99
C PRO A 119 3.84 6.04 -20.10
N GLY A 120 3.28 4.84 -19.89
CA GLY A 120 3.43 3.76 -20.84
C GLY A 120 4.33 2.67 -20.28
N ARG A 121 5.13 3.02 -19.28
CA ARG A 121 6.00 2.07 -18.62
C ARG A 121 5.18 1.15 -17.72
N MET A 122 5.72 -0.01 -17.40
CA MET A 122 5.03 -1.00 -16.60
C MET A 122 5.55 -1.02 -15.17
N CYS A 123 4.63 -1.02 -14.21
CA CYS A 123 5.01 -1.08 -12.81
C CYS A 123 4.32 -2.25 -12.16
N ARG A 124 4.82 -2.68 -11.01
CA ARG A 124 4.16 -3.77 -10.31
C ARG A 124 3.70 -3.39 -8.89
N VAL A 125 2.59 -4.00 -8.46
CA VAL A 125 1.97 -3.71 -7.18
C VAL A 125 1.46 -5.02 -6.56
N ALA A 126 1.69 -5.18 -5.26
CA ALA A 126 1.35 -6.41 -4.55
C ALA A 126 0.49 -6.14 -3.32
N GLY A 127 -0.28 -7.14 -2.91
CA GLY A 127 -1.20 -6.98 -1.80
C GLY A 127 -1.95 -8.25 -1.44
N TRP A 128 -2.59 -8.23 -0.27
CA TRP A 128 -3.44 -9.32 0.21
C TRP A 128 -4.90 -8.97 0.02
N GLY A 129 -5.15 -7.95 -0.79
CA GLY A 129 -6.51 -7.48 -1.02
C GLY A 129 -7.36 -8.41 -1.87
N ARG A 130 -8.63 -8.06 -2.02
CA ARG A 130 -9.62 -8.89 -2.69
C ARG A 130 -9.23 -9.14 -4.13
N THR A 131 -9.57 -10.33 -4.63
CA THR A 131 -9.15 -10.77 -5.95
C THR A 131 -10.25 -10.56 -7.00
N GLY A 132 -11.30 -9.84 -6.62
CA GLY A 132 -12.38 -9.51 -7.53
C GLY A 132 -13.40 -8.69 -6.76
N VAL A 133 -14.29 -8.01 -7.49
CA VAL A 133 -15.24 -7.07 -6.89
C VAL A 133 -16.03 -7.71 -5.75
N LEU A 134 -16.33 -9.00 -5.88
CA LEU A 134 -17.14 -9.68 -4.89
C LEU A 134 -16.38 -10.81 -4.19
N LYS A 135 -15.07 -10.85 -4.41
CA LYS A 135 -14.21 -11.88 -3.80
C LYS A 135 -13.67 -11.41 -2.44
N PRO A 136 -13.43 -12.35 -1.53
CA PRO A 136 -12.78 -12.01 -0.26
C PRO A 136 -11.30 -11.65 -0.43
N GLY A 137 -10.70 -11.11 0.62
CA GLY A 137 -9.28 -10.80 0.57
C GLY A 137 -8.48 -12.06 0.37
N SER A 138 -7.33 -11.93 -0.28
CA SER A 138 -6.49 -13.09 -0.53
C SER A 138 -5.74 -13.57 0.72
N ASP A 139 -5.55 -14.88 0.80
CA ASP A 139 -4.73 -15.50 1.84
C ASP A 139 -3.25 -15.24 1.58
N THR A 140 -2.86 -15.22 0.31
CA THR A 140 -1.45 -15.08 -0.06
C THR A 140 -1.13 -13.77 -0.76
N LEU A 141 0.14 -13.39 -0.72
CA LEU A 141 0.60 -12.16 -1.36
C LEU A 141 0.50 -12.30 -2.88
N GLN A 142 -0.37 -11.48 -3.46
CA GLN A 142 -0.58 -11.48 -4.91
C GLN A 142 0.08 -10.25 -5.51
N GLU A 143 0.52 -10.35 -6.76
CA GLU A 143 1.06 -9.19 -7.45
C GLU A 143 0.56 -9.11 -8.87
N VAL A 144 0.63 -7.91 -9.45
CA VAL A 144 0.16 -7.70 -10.81
C VAL A 144 0.95 -6.56 -11.46
N LYS A 145 1.17 -6.64 -12.76
CA LYS A 145 1.89 -5.60 -13.49
C LYS A 145 0.90 -4.68 -14.18
N LEU A 146 1.02 -3.38 -13.90
CA LEU A 146 0.10 -2.38 -14.42
C LEU A 146 0.82 -1.31 -15.25
N ARG A 147 0.10 -0.75 -16.22
CA ARG A 147 0.65 0.29 -17.08
C ARG A 147 0.44 1.69 -16.47
N LEU A 148 1.50 2.48 -16.47
CA LEU A 148 1.46 3.86 -16.04
C LEU A 148 0.81 4.75 -17.14
N MET A 149 -0.33 5.35 -16.83
CA MET A 149 -1.14 6.05 -17.84
C MET A 149 -0.91 7.55 -17.85
N ASP A 150 -1.23 8.18 -18.98
CA ASP A 150 -1.28 9.63 -19.03
C ASP A 150 -2.38 10.12 -18.09
N PRO A 151 -2.19 11.31 -17.51
CA PRO A 151 -3.12 11.82 -16.50
C PRO A 151 -4.57 11.99 -17.01
N GLN A 152 -4.73 12.22 -18.31
CA GLN A 152 -6.09 12.34 -18.87
C GLN A 152 -6.90 11.04 -18.76
N ALA A 153 -6.21 9.91 -18.61
CA ALA A 153 -6.89 8.63 -18.40
C ALA A 153 -7.58 8.56 -17.02
N CYS A 154 -7.24 9.47 -16.13
CA CYS A 154 -7.86 9.51 -14.79
C CYS A 154 -8.72 10.76 -14.57
N SER A 155 -9.06 11.42 -15.65
CA SER A 155 -9.80 12.67 -15.60
C SER A 155 -11.15 12.50 -14.92
N HIS A 156 -11.75 11.33 -15.08
CA HIS A 156 -13.08 11.05 -14.55
C HIS A 156 -13.10 10.98 -13.02
N PHE A 157 -11.94 10.77 -12.42
CA PHE A 157 -11.80 10.97 -10.98
C PHE A 157 -11.65 12.48 -10.82
N ARG A 158 -12.75 13.13 -10.47
CA ARG A 158 -12.83 14.59 -10.50
C ARG A 158 -11.75 15.31 -9.68
N ASP A 159 -11.28 14.69 -8.61
CA ASP A 159 -10.26 15.32 -7.77
C ASP A 159 -8.87 14.75 -7.98
N PHE A 160 -8.71 13.92 -9.01
CA PHE A 160 -7.39 13.41 -9.36
C PHE A 160 -6.51 14.59 -9.73
N ASP A 161 -5.24 14.49 -9.38
CA ASP A 161 -4.28 15.58 -9.60
C ASP A 161 -2.94 14.99 -10.01
N HIS A 162 -2.55 15.27 -11.26
CA HIS A 162 -1.32 14.77 -11.86
C HIS A 162 -0.10 15.01 -10.97
N ASN A 163 0.01 16.19 -10.38
CA ASN A 163 1.16 16.52 -9.56
C ASN A 163 1.24 15.68 -8.29
N LEU A 164 0.08 15.27 -7.80
CA LEU A 164 -0.02 14.60 -6.50
C LEU A 164 -0.15 13.10 -6.66
N GLN A 165 -0.55 12.66 -7.86
CA GLN A 165 -0.98 11.28 -8.06
C GLN A 165 -0.54 10.65 -9.36
N LEU A 166 -0.47 9.32 -9.35
CA LEU A 166 -0.18 8.54 -10.55
C LEU A 166 -1.47 7.91 -11.05
N CYS A 167 -1.63 7.88 -12.37
CA CYS A 167 -2.74 7.21 -13.01
C CYS A 167 -2.24 5.86 -13.54
N VAL A 168 -2.81 4.79 -12.99
CA VAL A 168 -2.25 3.44 -13.14
C VAL A 168 -3.29 2.40 -13.59
N GLY A 169 -3.03 1.78 -14.74
CA GLY A 169 -3.85 0.67 -15.21
C GLY A 169 -4.54 0.91 -16.54
N ASN A 170 -4.19 0.09 -17.53
CA ASN A 170 -4.83 0.08 -18.84
C ASN A 170 -6.29 -0.29 -18.70
N PRO A 171 -7.19 0.56 -19.18
CA PRO A 171 -8.62 0.24 -19.15
C PRO A 171 -9.01 -0.95 -20.02
N ARG A 172 -8.18 -1.36 -20.97
CA ARG A 172 -8.51 -2.52 -21.81
C ARG A 172 -8.22 -3.82 -21.06
N LYS A 173 -7.54 -3.72 -19.92
CA LYS A 173 -7.18 -4.88 -19.12
C LYS A 173 -7.98 -4.89 -17.84
N THR A 174 -8.16 -6.07 -17.23
CA THR A 174 -8.90 -6.14 -15.96
C THR A 174 -8.02 -5.88 -14.73
N LYS A 175 -6.71 -6.03 -14.90
CA LYS A 175 -5.74 -5.94 -13.81
C LYS A 175 -5.88 -4.69 -12.97
N SER A 176 -5.78 -4.88 -11.65
CA SER A 176 -5.92 -3.77 -10.70
C SER A 176 -5.66 -4.15 -9.24
N ALA A 177 -5.24 -3.16 -8.47
CA ALA A 177 -5.33 -3.25 -7.02
C ALA A 177 -6.80 -3.00 -6.68
N PHE A 178 -7.18 -3.34 -5.45
CA PHE A 178 -8.56 -3.19 -5.01
C PHE A 178 -8.60 -3.14 -3.48
N LYS A 179 -9.78 -3.27 -2.89
CA LYS A 179 -9.94 -3.21 -1.45
C LYS A 179 -8.99 -4.20 -0.77
N GLY A 180 -8.32 -3.70 0.26
CA GLY A 180 -7.34 -4.49 0.98
C GLY A 180 -5.93 -4.26 0.48
N ASP A 181 -5.80 -3.66 -0.70
CA ASP A 181 -4.50 -3.40 -1.31
C ASP A 181 -3.94 -2.00 -1.01
N SER A 182 -4.79 -1.13 -0.46
CA SER A 182 -4.40 0.23 -0.06
C SER A 182 -3.14 0.27 0.80
N GLY A 183 -2.29 1.26 0.52
CA GLY A 183 -1.07 1.46 1.27
C GLY A 183 0.09 0.68 0.69
N GLY A 184 -0.20 -0.22 -0.23
CA GLY A 184 0.85 -1.00 -0.88
C GLY A 184 1.68 -0.17 -1.84
N PRO A 185 2.94 -0.54 -2.02
CA PRO A 185 3.80 0.21 -2.94
C PRO A 185 3.54 -0.14 -4.40
N LEU A 186 3.69 0.86 -5.27
CA LEU A 186 3.72 0.61 -6.70
C LEU A 186 5.18 0.74 -7.12
N LEU A 187 5.76 -0.34 -7.62
CA LEU A 187 7.17 -0.33 -7.96
C LEU A 187 7.40 -0.27 -9.46
N CYS A 188 8.30 0.61 -9.87
CA CYS A 188 8.69 0.70 -11.26
C CYS A 188 10.20 0.56 -11.30
N ALA A 189 10.69 -0.45 -12.02
CA ALA A 189 12.12 -0.76 -12.08
C ALA A 189 12.73 -1.03 -10.69
N GLY A 190 11.94 -1.64 -9.81
CA GLY A 190 12.40 -1.98 -8.46
C GLY A 190 12.26 -0.87 -7.42
N ALA A 191 11.94 0.34 -7.84
CA ALA A 191 11.82 1.47 -6.93
C ALA A 191 10.38 1.86 -6.72
N ALA A 192 10.04 2.21 -5.47
CA ALA A 192 8.68 2.58 -5.13
C ALA A 192 8.32 3.94 -5.73
N GLN A 193 7.31 3.96 -6.59
CA GLN A 193 6.87 5.22 -7.20
C GLN A 193 5.49 5.66 -6.69
N GLY A 194 4.67 4.70 -6.32
CA GLY A 194 3.33 5.02 -5.89
C GLY A 194 2.86 4.22 -4.70
N ILE A 195 1.69 4.61 -4.18
CA ILE A 195 1.05 3.93 -3.10
C ILE A 195 -0.41 3.77 -3.49
N VAL A 196 -0.92 2.53 -3.38
CA VAL A 196 -2.31 2.25 -3.66
C VAL A 196 -3.20 3.17 -2.84
N SER A 197 -4.15 3.82 -3.48
CA SER A 197 -4.99 4.81 -2.83
C SER A 197 -6.48 4.57 -3.08
N TYR A 198 -6.96 4.78 -4.30
CA TYR A 198 -8.37 4.51 -4.62
C TYR A 198 -8.65 4.29 -6.09
N GLY A 199 -9.88 3.86 -6.36
CA GLY A 199 -10.35 3.65 -7.71
C GLY A 199 -11.85 3.49 -7.73
N ARG A 200 -12.38 3.00 -8.84
CA ARG A 200 -13.81 2.74 -8.93
C ARG A 200 -14.19 1.52 -8.11
N SER A 201 -15.43 1.52 -7.62
CA SER A 201 -15.97 0.38 -6.88
C SER A 201 -16.16 -0.87 -7.75
N ASP A 202 -16.26 -0.68 -9.07
CA ASP A 202 -16.35 -1.82 -9.98
C ASP A 202 -14.98 -2.29 -10.45
N ALA A 203 -13.94 -1.66 -9.94
CA ALA A 203 -12.55 -2.02 -10.26
C ALA A 203 -12.09 -1.82 -11.71
N LYS A 204 -12.91 -1.20 -12.55
CA LYS A 204 -12.44 -0.83 -13.88
C LYS A 204 -11.27 0.15 -13.78
N PRO A 205 -10.08 -0.29 -14.23
CA PRO A 205 -8.90 0.58 -14.24
C PRO A 205 -9.09 1.74 -15.21
N PRO A 206 -8.30 2.82 -15.08
CA PRO A 206 -7.22 2.97 -14.11
C PRO A 206 -7.71 3.28 -12.70
N ALA A 207 -6.75 3.27 -11.78
CA ALA A 207 -6.96 3.63 -10.39
C ALA A 207 -5.95 4.72 -10.05
N VAL A 208 -6.12 5.34 -8.89
CA VAL A 208 -5.28 6.46 -8.45
C VAL A 208 -4.30 6.07 -7.33
N PHE A 209 -3.01 6.32 -7.58
CA PHE A 209 -1.98 6.04 -6.60
C PHE A 209 -1.39 7.35 -6.13
N THR A 210 -1.02 7.43 -4.86
CA THR A 210 -0.29 8.58 -4.33
C THR A 210 1.09 8.66 -4.99
N ARG A 211 1.49 9.85 -5.42
CA ARG A 211 2.82 10.00 -6.02
C ARG A 211 3.89 10.23 -4.95
N ILE A 212 4.65 9.18 -4.64
CA ILE A 212 5.58 9.25 -3.51
C ILE A 212 6.56 10.43 -3.52
N SER A 213 7.07 10.76 -4.71
CA SER A 213 8.10 11.78 -4.85
C SER A 213 7.65 13.15 -4.34
N HIS A 214 6.38 13.47 -4.56
CA HIS A 214 5.82 14.72 -4.08
C HIS A 214 5.90 14.86 -2.57
N TYR A 215 5.83 13.71 -1.87
CA TYR A 215 5.72 13.71 -0.41
C TYR A 215 7.05 13.45 0.26
N GLN A 216 8.08 13.28 -0.56
CA GLN A 216 9.42 12.97 -0.05
C GLN A 216 9.98 13.94 1.02
N PRO A 217 9.84 15.27 0.80
CA PRO A 217 10.18 16.19 1.91
C PRO A 217 9.45 15.88 3.22
N TRP A 218 8.15 15.65 3.17
CA TRP A 218 7.39 15.37 4.38
C TRP A 218 7.81 14.05 5.00
N ILE A 219 8.13 13.07 4.15
CA ILE A 219 8.56 11.77 4.65
C ILE A 219 9.86 11.91 5.44
N ASN A 220 10.87 12.53 4.83
CA ASN A 220 12.16 12.75 5.46
C ASN A 220 12.02 13.56 6.72
N GLN A 221 11.13 14.56 6.68
CA GLN A 221 10.80 15.36 7.86
C GLN A 221 10.42 14.48 9.05
N ILE A 222 9.42 13.62 8.84
CA ILE A 222 8.90 12.74 9.88
C ILE A 222 9.96 11.76 10.41
N LEU A 223 10.81 11.25 9.54
CA LEU A 223 11.86 10.32 9.96
C LEU A 223 12.85 10.96 10.91
N GLN A 224 13.40 12.12 10.52
CA GLN A 224 14.38 12.82 11.34
C GLN A 224 13.84 13.34 12.67
N ALA A 225 12.56 13.70 12.71
CA ALA A 225 11.96 14.20 13.94
C ALA A 225 11.55 13.07 14.88
N ASN A 226 11.68 11.83 14.44
CA ASN A 226 11.20 10.69 15.25
C ASN A 226 12.10 9.47 15.20
#